data_5IAV
#
_entry.id   5IAV
#
_cell.length_a   42.769
_cell.length_b   41.495
_cell.length_c   111.043
_cell.angle_alpha   90.000
_cell.angle_beta   96.670
_cell.angle_gamma   90.000
#
_symmetry.space_group_name_H-M   'P 1 21 1'
#
loop_
_entity.id
_entity.type
_entity.pdbx_description
1 polymer 'Procollagen-Proline Dioxygenase'
2 non-polymer 'COBALT (II) ION'
3 non-polymer 'MALONATE ION'
4 water water
#
_entity_poly.entity_id   1
_entity_poly.type   'polypeptide(L)'
_entity_poly.pdbx_seq_one_letter_code
;MATNNNQIGENKEQTIFDHKGNVIKTEDREIQIISKFEEPLIVVLGNVLSDEECDELIELSKSKLARSKVGSSRDVNDIR
TSSGAFLDDNELTAKIEKRISSIMNVPASHGEGLHILNYEVDQQYKAHYDYFAEHSRSAANNRISTLVMYLNDVEEGGET
FFPKLNLSVHPRKGMAVYFEYFYQDQSLNELTLHGGAPVTKGEKWIATQWVRRGTYK
;
_entity_poly.pdbx_strand_id   A,B
#
loop_
_chem_comp.id
_chem_comp.type
_chem_comp.name
_chem_comp.formula
CO non-polymer 'COBALT (II) ION' 'Co 2'
MLI non-polymer 'MALONATE ION' 'C3 H2 O4 -2'
#
# COMPACT_ATOMS: atom_id res chain seq x y z
N GLU A 13 -9.66 -20.46 -0.18
CA GLU A 13 -8.54 -21.24 0.35
C GLU A 13 -7.89 -20.51 1.51
N GLN A 14 -7.28 -21.27 2.43
CA GLN A 14 -6.56 -20.67 3.54
C GLN A 14 -5.16 -20.25 3.10
N THR A 15 -4.69 -19.13 3.65
CA THR A 15 -3.39 -18.60 3.30
C THR A 15 -2.36 -18.91 4.39
N ILE A 16 -1.09 -18.93 3.99
CA ILE A 16 -0.01 -19.07 4.96
C ILE A 16 0.00 -17.86 5.88
N PHE A 17 0.04 -16.68 5.27
CA PHE A 17 -0.04 -15.42 5.99
C PHE A 17 -1.34 -15.33 6.76
N ASP A 18 -1.23 -15.14 8.05
CA ASP A 18 -2.33 -15.31 8.93
C ASP A 18 -2.18 -14.22 9.97
N HIS A 19 -2.49 -12.99 9.55
CA HIS A 19 -2.48 -11.86 10.46
C HIS A 19 -3.74 -11.05 10.21
N LYS A 20 -4.56 -10.97 11.23
CA LYS A 20 -5.76 -10.16 11.19
C LYS A 20 -5.38 -8.75 11.63
N GLY A 21 -6.17 -7.80 11.21
CA GLY A 21 -6.00 -6.47 11.75
C GLY A 21 -4.95 -5.68 11.01
N ASN A 22 -4.40 -4.68 11.70
CA ASN A 22 -3.66 -3.64 11.01
C ASN A 22 -2.20 -3.59 11.40
N VAL A 23 -1.73 -4.42 12.35
CA VAL A 23 -0.32 -4.47 12.71
C VAL A 23 0.07 -5.92 12.88
N ILE A 24 1.35 -6.19 12.68
CA ILE A 24 1.99 -7.44 13.05
C ILE A 24 2.99 -7.13 14.16
N LYS A 25 2.77 -7.70 15.34
CA LYS A 25 3.68 -7.43 16.46
C LYS A 25 4.75 -8.51 16.49
N THR A 26 5.94 -8.19 15.99
CA THR A 26 7.04 -9.13 16.08
C THR A 26 7.84 -8.84 17.34
N GLU A 27 8.92 -9.60 17.53
CA GLU A 27 9.67 -9.50 18.78
C GLU A 27 10.29 -8.12 18.94
N ASP A 28 10.76 -7.52 17.85
CA ASP A 28 11.47 -6.25 17.95
C ASP A 28 10.85 -5.11 17.14
N ARG A 29 9.69 -5.30 16.52
CA ARG A 29 9.19 -4.22 15.68
C ARG A 29 7.72 -4.43 15.36
N GLU A 30 6.96 -3.34 15.30
CA GLU A 30 5.56 -3.40 14.87
C GLU A 30 5.46 -3.07 13.39
N ILE A 31 5.03 -4.06 12.61
CA ILE A 31 4.91 -3.94 11.16
C ILE A 31 3.49 -3.50 10.86
N GLN A 32 3.32 -2.62 9.88
CA GLN A 32 2.00 -2.11 9.54
C GLN A 32 1.45 -2.90 8.37
N ILE A 33 0.19 -3.28 8.45
CA ILE A 33 -0.52 -3.83 7.30
C ILE A 33 -1.19 -2.69 6.55
N ILE A 34 -0.76 -2.43 5.32
CA ILE A 34 -1.17 -1.23 4.59
C ILE A 34 -2.30 -1.53 3.61
N SER A 35 -2.16 -2.57 2.78
CA SER A 35 -3.18 -2.89 1.79
C SER A 35 -3.05 -4.35 1.46
N LYS A 36 -4.15 -4.96 1.05
CA LYS A 36 -4.18 -6.38 0.73
C LYS A 36 -4.92 -6.57 -0.57
N PHE A 37 -4.38 -7.40 -1.44
CA PHE A 37 -5.13 -7.96 -2.57
C PHE A 37 -5.38 -9.41 -2.19
N GLU A 38 -6.63 -9.86 -2.20
CA GLU A 38 -6.96 -10.97 -1.31
C GLU A 38 -6.56 -12.35 -1.85
N GLU A 39 -6.56 -12.54 -3.18
CA GLU A 39 -6.35 -13.88 -3.75
C GLU A 39 -5.89 -13.78 -5.21
N PRO A 40 -4.65 -14.17 -5.51
CA PRO A 40 -3.61 -14.62 -4.56
C PRO A 40 -3.24 -13.46 -3.62
N LEU A 41 -2.84 -13.80 -2.40
CA LEU A 41 -2.62 -12.80 -1.36
C LEU A 41 -1.37 -11.99 -1.64
N ILE A 42 -1.53 -10.67 -1.75
CA ILE A 42 -0.44 -9.73 -1.93
C ILE A 42 -0.67 -8.64 -0.89
N VAL A 43 0.30 -8.43 -0.01
CA VAL A 43 0.14 -7.55 1.13
C VAL A 43 1.24 -6.49 1.09
N VAL A 44 0.86 -5.19 1.11
CA VAL A 44 1.83 -4.11 1.26
C VAL A 44 2.04 -3.86 2.75
N LEU A 45 3.30 -3.87 3.20
CA LEU A 45 3.64 -3.81 4.61
C LEU A 45 4.50 -2.57 4.86
N GLY A 46 4.22 -1.87 5.95
CA GLY A 46 5.08 -0.76 6.31
C GLY A 46 5.88 -1.00 7.56
N ASN A 47 6.96 -0.23 7.70
CA ASN A 47 7.84 -0.26 8.86
C ASN A 47 8.53 -1.60 9.04
N VAL A 48 8.86 -2.30 7.93
CA VAL A 48 9.44 -3.62 8.04
C VAL A 48 10.90 -3.51 8.47
N LEU A 49 11.60 -2.51 7.95
CA LEU A 49 13.02 -2.28 8.22
C LEU A 49 13.23 -0.81 8.58
N SER A 50 14.07 -0.56 9.58
CA SER A 50 14.50 0.80 9.84
C SER A 50 15.33 1.34 8.68
N ASP A 51 15.36 2.67 8.58
CA ASP A 51 16.24 3.30 7.61
C ASP A 51 17.69 2.83 7.75
N GLU A 52 18.19 2.74 8.98
CA GLU A 52 19.58 2.29 9.19
C GLU A 52 19.76 0.84 8.75
N GLU A 53 18.79 -0.03 9.04
CA GLU A 53 18.90 -1.42 8.60
C GLU A 53 18.97 -1.51 7.08
N CYS A 54 18.18 -0.67 6.39
CA CYS A 54 18.22 -0.63 4.93
C CYS A 54 19.60 -0.25 4.43
N ASP A 55 20.16 0.81 5.00
CA ASP A 55 21.51 1.24 4.62
C ASP A 55 22.54 0.16 4.88
N GLU A 56 22.44 -0.53 6.03
CA GLU A 56 23.41 -1.57 6.35
C GLU A 56 23.34 -2.74 5.38
N LEU A 57 22.12 -3.12 4.97
CA LEU A 57 22.02 -4.25 4.05
C LEU A 57 22.67 -3.93 2.71
N ILE A 58 22.46 -2.70 2.23
CA ILE A 58 23.10 -2.27 0.99
C ILE A 58 24.62 -2.31 1.14
N GLU A 59 25.14 -1.77 2.23
CA GLU A 59 26.60 -1.72 2.35
C GLU A 59 27.18 -3.12 2.49
N LEU A 60 26.48 -4.03 3.17
CA LEU A 60 26.94 -5.41 3.24
C LEU A 60 26.95 -6.07 1.88
N SER A 61 25.99 -5.72 1.01
CA SER A 61 25.96 -6.34 -0.30
C SER A 61 27.11 -5.87 -1.17
N LYS A 62 27.56 -4.63 -0.96
CA LYS A 62 28.64 -4.04 -1.75
C LYS A 62 30.00 -4.65 -1.42
N SER A 63 30.15 -5.24 -0.25
CA SER A 63 31.45 -5.77 0.15
C SER A 63 31.64 -7.18 -0.40
N LYS A 64 32.83 -7.43 -0.95
CA LYS A 64 33.20 -8.78 -1.36
C LYS A 64 33.99 -9.50 -0.29
N LEU A 65 34.33 -8.82 0.80
CA LEU A 65 34.86 -9.51 1.96
C LEU A 65 33.80 -10.46 2.51
N ALA A 66 34.25 -11.64 2.90
CA ALA A 66 33.34 -12.68 3.37
C ALA A 66 34.05 -13.56 4.37
N ARG A 67 33.29 -14.13 5.30
CA ARG A 67 33.83 -15.16 6.16
C ARG A 67 34.10 -16.40 5.30
N SER A 68 35.05 -17.20 5.73
CA SER A 68 35.33 -18.46 5.06
C SER A 68 34.89 -19.61 5.96
N LYS A 69 34.32 -20.63 5.36
CA LYS A 69 33.85 -21.80 6.08
C LYS A 69 34.59 -23.02 5.52
N VAL A 70 34.79 -24.03 6.38
CA VAL A 70 35.45 -25.24 5.88
C VAL A 70 34.57 -25.88 4.80
N GLY A 71 35.20 -26.32 3.72
CA GLY A 71 34.43 -26.85 2.61
C GLY A 71 34.02 -25.75 1.64
N SER A 72 34.00 -26.06 0.35
CA SER A 72 33.61 -25.10 -0.69
C SER A 72 33.47 -25.79 -2.05
N SER A 82 22.30 -16.23 -11.40
CA SER A 82 21.38 -15.15 -11.78
C SER A 82 22.02 -13.79 -11.53
N SER A 83 21.29 -12.92 -10.82
CA SER A 83 21.74 -11.58 -10.50
C SER A 83 21.60 -11.34 -8.99
N GLY A 84 22.22 -10.27 -8.51
CA GLY A 84 22.20 -10.05 -7.07
C GLY A 84 23.05 -11.08 -6.36
N ALA A 85 22.91 -11.12 -5.02
CA ALA A 85 23.74 -11.98 -4.20
C ALA A 85 23.12 -12.16 -2.83
N PHE A 86 23.29 -13.37 -2.30
CA PHE A 86 22.87 -13.68 -0.93
C PHE A 86 23.89 -13.16 0.07
N LEU A 87 23.39 -12.62 1.18
CA LEU A 87 24.28 -12.15 2.23
C LEU A 87 24.69 -13.30 3.13
N ASP A 88 25.93 -13.22 3.61
CA ASP A 88 26.39 -14.15 4.64
C ASP A 88 25.59 -13.95 5.93
N ASP A 89 25.41 -15.04 6.66
CA ASP A 89 24.74 -14.97 7.95
C ASP A 89 25.61 -14.18 8.92
N ASN A 90 25.01 -13.18 9.55
CA ASN A 90 25.65 -12.43 10.63
C ASN A 90 24.55 -11.97 11.57
N GLU A 91 24.90 -11.11 12.52
CA GLU A 91 23.92 -10.69 13.51
C GLU A 91 22.76 -9.92 12.87
N LEU A 92 23.08 -9.03 11.93
CA LEU A 92 22.05 -8.24 11.25
C LEU A 92 21.09 -9.16 10.51
N THR A 93 21.62 -10.05 9.67
CA THR A 93 20.76 -10.91 8.86
C THR A 93 19.94 -11.85 9.73
N ALA A 94 20.52 -12.35 10.82
CA ALA A 94 19.75 -13.18 11.73
C ALA A 94 18.58 -12.41 12.34
N LYS A 95 18.85 -11.19 12.80
CA LYS A 95 17.82 -10.35 13.39
C LYS A 95 16.68 -10.11 12.40
N ILE A 96 17.03 -9.80 11.16
CA ILE A 96 16.01 -9.52 10.15
CA ILE A 96 16.00 -9.52 10.16
C ILE A 96 15.25 -10.78 9.78
N GLU A 97 15.95 -11.92 9.65
CA GLU A 97 15.26 -13.15 9.31
C GLU A 97 14.29 -13.57 10.39
N LYS A 98 14.62 -13.30 11.66
CA LYS A 98 13.67 -13.59 12.73
C LYS A 98 12.42 -12.75 12.60
N ARG A 99 12.57 -11.46 12.31
CA ARG A 99 11.43 -10.59 12.14
C ARG A 99 10.58 -11.03 10.96
N ILE A 100 11.23 -11.35 9.85
CA ILE A 100 10.52 -11.78 8.65
C ILE A 100 9.76 -13.07 8.90
N SER A 101 10.34 -14.00 9.68
CA SER A 101 9.64 -15.24 9.95
CA SER A 101 9.65 -15.24 9.97
C SER A 101 8.33 -15.00 10.67
N SER A 102 8.26 -13.98 11.54
CA SER A 102 6.99 -13.66 12.19
C SER A 102 5.99 -13.11 11.18
N ILE A 103 6.45 -12.30 10.25
CA ILE A 103 5.57 -11.77 9.20
C ILE A 103 5.05 -12.91 8.32
N MET A 104 5.94 -13.80 7.92
CA MET A 104 5.59 -14.78 6.90
C MET A 104 5.00 -16.06 7.48
N ASN A 105 5.02 -16.22 8.82
CA ASN A 105 4.38 -17.33 9.52
C ASN A 105 5.01 -18.65 9.15
N VAL A 106 6.29 -18.59 8.81
CA VAL A 106 7.04 -19.81 8.50
C VAL A 106 8.39 -19.71 9.18
N PRO A 107 8.90 -20.79 9.82
CA PRO A 107 10.19 -20.70 10.50
C PRO A 107 11.26 -20.21 9.54
N ALA A 108 12.21 -19.43 10.06
CA ALA A 108 13.27 -18.87 9.23
C ALA A 108 14.15 -19.97 8.62
N SER A 109 14.10 -21.17 9.18
CA SER A 109 14.79 -22.31 8.60
C SER A 109 14.31 -22.62 7.18
N HIS A 110 13.10 -22.22 6.84
CA HIS A 110 12.62 -22.37 5.48
C HIS A 110 13.08 -21.23 4.56
N GLY A 111 13.68 -20.17 5.08
CA GLY A 111 14.07 -19.04 4.25
C GLY A 111 15.39 -19.29 3.55
N GLU A 112 15.54 -18.74 2.33
CA GLU A 112 16.83 -18.92 1.66
C GLU A 112 17.91 -17.98 2.18
N GLY A 113 17.56 -17.00 2.97
CA GLY A 113 18.49 -15.96 3.39
C GLY A 113 18.31 -14.71 2.56
N LEU A 114 18.85 -13.61 3.05
CA LEU A 114 18.53 -12.32 2.44
C LEU A 114 19.32 -12.19 1.14
N HIS A 115 18.60 -12.02 0.05
CA HIS A 115 19.15 -11.80 -1.28
C HIS A 115 19.01 -10.31 -1.61
N ILE A 116 20.12 -9.67 -1.98
CA ILE A 116 20.12 -8.23 -2.27
C ILE A 116 20.31 -8.03 -3.76
N LEU A 117 19.43 -7.23 -4.35
CA LEU A 117 19.48 -6.91 -5.77
C LEU A 117 19.50 -5.40 -5.95
N ASN A 118 20.35 -4.94 -6.85
CA ASN A 118 20.41 -3.52 -7.24
C ASN A 118 20.23 -3.45 -8.74
N TYR A 119 19.43 -2.51 -9.20
CA TYR A 119 19.35 -2.21 -10.60
C TYR A 119 19.23 -0.70 -10.73
N GLU A 120 19.77 -0.14 -11.79
CA GLU A 120 19.79 1.26 -11.98
C GLU A 120 18.97 1.77 -13.13
N VAL A 121 19.06 3.08 -13.31
CA VAL A 121 18.32 3.73 -14.34
C VAL A 121 18.65 2.93 -15.55
N ASP A 122 17.71 2.85 -16.46
CA ASP A 122 17.87 2.11 -17.68
C ASP A 122 17.91 0.62 -17.59
N GLN A 123 17.53 0.05 -16.44
CA GLN A 123 17.45 -1.38 -16.19
C GLN A 123 16.05 -1.83 -15.65
N GLN A 124 15.75 -3.10 -15.79
CA GLN A 124 14.52 -3.71 -15.31
C GLN A 124 14.67 -5.18 -15.01
N TYR A 125 13.68 -5.74 -14.35
CA TYR A 125 13.69 -7.15 -14.04
C TYR A 125 12.48 -7.73 -14.71
N LYS A 126 12.72 -8.60 -15.68
CA LYS A 126 11.65 -9.13 -16.50
C LYS A 126 10.68 -9.99 -15.68
N ALA A 127 9.41 -9.99 -16.09
CA ALA A 127 8.39 -10.70 -15.33
C ALA A 127 8.69 -12.20 -15.26
N HIS A 128 8.37 -12.79 -14.10
CA HIS A 128 8.72 -14.19 -13.83
C HIS A 128 7.87 -14.68 -12.65
N TYR A 129 7.98 -15.99 -12.41
CA TYR A 129 7.45 -16.63 -11.21
C TYR A 129 8.58 -16.84 -10.22
N ASP A 130 8.29 -16.71 -8.92
CA ASP A 130 9.35 -17.01 -7.98
C ASP A 130 9.44 -18.50 -7.71
N TYR A 131 8.35 -19.24 -7.88
CA TYR A 131 8.41 -20.68 -7.63
C TYR A 131 8.95 -21.40 -8.85
N PHE A 132 9.34 -22.66 -8.65
CA PHE A 132 9.94 -23.44 -9.72
C PHE A 132 8.87 -24.27 -10.41
N ALA A 133 9.13 -24.62 -11.67
CA ALA A 133 8.15 -25.32 -12.48
C ALA A 133 7.80 -26.67 -11.88
N GLU A 134 6.54 -27.05 -12.06
CA GLU A 134 6.06 -28.29 -11.50
C GLU A 134 6.85 -29.47 -12.04
N HIS A 135 7.25 -30.34 -11.11
CA HIS A 135 7.99 -31.56 -11.41
C HIS A 135 9.46 -31.35 -11.70
N SER A 136 9.90 -30.10 -11.59
CA SER A 136 11.30 -29.79 -11.83
C SER A 136 12.07 -30.22 -10.59
N ARG A 137 13.37 -30.44 -10.75
CA ARG A 137 14.21 -30.86 -9.64
C ARG A 137 14.16 -29.85 -8.51
N SER A 138 14.16 -28.55 -8.83
CA SER A 138 14.09 -27.54 -7.78
C SER A 138 12.70 -27.46 -7.16
N ALA A 139 11.66 -27.97 -7.82
CA ALA A 139 10.35 -27.96 -7.19
C ALA A 139 10.22 -28.98 -6.07
N ALA A 140 11.22 -29.85 -5.89
CA ALA A 140 11.15 -30.86 -4.83
C ALA A 140 10.88 -30.23 -3.47
N ASN A 141 11.58 -29.14 -3.17
CA ASN A 141 11.29 -28.29 -2.00
C ASN A 141 11.01 -26.88 -2.55
N ASN A 142 9.81 -26.68 -3.06
CA ASN A 142 9.54 -25.48 -3.84
C ASN A 142 9.37 -24.27 -2.92
N ARG A 143 9.61 -23.08 -3.49
CA ARG A 143 9.25 -21.83 -2.83
C ARG A 143 7.75 -21.71 -2.73
N ILE A 144 7.28 -21.11 -1.63
CA ILE A 144 5.86 -20.94 -1.37
C ILE A 144 5.47 -19.47 -1.15
N SER A 145 6.42 -18.60 -0.85
CA SER A 145 6.09 -17.20 -0.54
C SER A 145 7.35 -16.34 -0.63
N THR A 146 7.12 -15.03 -0.82
CA THR A 146 8.19 -14.08 -1.05
C THR A 146 7.92 -12.84 -0.22
N LEU A 147 8.99 -12.27 0.33
CA LEU A 147 8.91 -10.90 0.86
C LEU A 147 9.98 -10.05 0.17
N VAL A 148 9.56 -8.96 -0.47
CA VAL A 148 10.46 -8.01 -1.13
C VAL A 148 10.47 -6.73 -0.32
N MET A 149 11.65 -6.36 0.17
CA MET A 149 11.85 -5.20 1.02
C MET A 149 12.54 -4.08 0.24
N TYR A 150 11.96 -2.89 0.24
CA TYR A 150 12.58 -1.76 -0.45
C TYR A 150 13.64 -1.14 0.46
N LEU A 151 14.90 -1.10 -0.02
CA LEU A 151 15.99 -0.61 0.80
C LEU A 151 16.33 0.84 0.54
N ASN A 152 15.74 1.45 -0.48
CA ASN A 152 16.01 2.85 -0.77
C ASN A 152 14.79 3.44 -1.46
N ASP A 153 14.81 4.76 -1.62
CA ASP A 153 13.78 5.42 -2.41
C ASP A 153 14.26 5.56 -3.83
N VAL A 154 13.40 5.20 -4.78
CA VAL A 154 13.71 5.24 -6.20
C VAL A 154 13.17 6.54 -6.75
N GLU A 155 14.07 7.35 -7.31
CA GLU A 155 13.67 8.66 -7.78
C GLU A 155 12.44 8.56 -8.68
N GLU A 156 12.45 7.61 -9.63
CA GLU A 156 11.31 7.35 -10.53
C GLU A 156 11.40 5.95 -11.14
N GLY A 157 10.26 5.25 -11.20
CA GLY A 157 10.22 3.90 -11.74
C GLY A 157 10.47 2.87 -10.64
N GLY A 158 10.79 1.65 -11.07
CA GLY A 158 11.14 0.63 -10.10
C GLY A 158 9.99 -0.03 -9.38
N GLU A 159 8.77 0.08 -9.93
CA GLU A 159 7.64 -0.58 -9.28
C GLU A 159 7.77 -2.10 -9.37
N THR A 160 7.22 -2.80 -8.38
CA THR A 160 7.02 -4.24 -8.45
C THR A 160 5.63 -4.42 -9.04
N PHE A 161 5.53 -5.00 -10.22
CA PHE A 161 4.25 -5.02 -10.90
C PHE A 161 3.79 -6.45 -11.13
N PHE A 162 2.47 -6.64 -11.07
CA PHE A 162 1.82 -7.93 -11.25
C PHE A 162 0.95 -7.85 -12.51
N PRO A 163 1.49 -8.23 -13.68
CA PRO A 163 0.82 -7.87 -14.93
C PRO A 163 -0.52 -8.54 -15.12
N LYS A 164 -0.72 -9.76 -14.62
CA LYS A 164 -2.03 -10.40 -14.73
C LYS A 164 -3.08 -9.80 -13.82
N LEU A 165 -2.68 -9.05 -12.78
CA LEU A 165 -3.61 -8.48 -11.80
C LEU A 165 -3.83 -7.00 -11.99
N ASN A 166 -3.03 -6.36 -12.83
CA ASN A 166 -3.09 -4.91 -13.04
C ASN A 166 -2.81 -4.16 -11.75
N LEU A 167 -1.83 -4.64 -10.99
CA LEU A 167 -1.52 -4.10 -9.67
C LEU A 167 -0.03 -3.81 -9.62
N SER A 168 0.35 -2.68 -9.02
CA SER A 168 1.76 -2.40 -8.82
C SER A 168 1.99 -1.87 -7.41
N VAL A 169 3.17 -2.18 -6.89
CA VAL A 169 3.62 -1.64 -5.60
C VAL A 169 4.84 -0.77 -5.88
N HIS A 170 4.80 0.47 -5.44
CA HIS A 170 5.89 1.38 -5.73
C HIS A 170 6.93 1.33 -4.62
N PRO A 171 8.21 1.48 -4.96
CA PRO A 171 9.24 1.33 -3.94
C PRO A 171 9.16 2.49 -2.96
N ARG A 172 9.35 2.16 -1.69
CA ARG A 172 9.34 3.13 -0.61
C ARG A 172 10.21 2.55 0.50
N LYS A 173 11.27 3.28 0.85
CA LYS A 173 12.28 2.75 1.77
C LYS A 173 11.66 2.28 3.08
N GLY A 174 11.96 1.01 3.45
CA GLY A 174 11.48 0.45 4.68
C GLY A 174 10.18 -0.32 4.56
N MET A 175 9.47 -0.13 3.45
CA MET A 175 8.25 -0.85 3.16
CA MET A 175 8.25 -0.86 3.18
C MET A 175 8.58 -2.18 2.46
N ALA A 176 7.56 -3.00 2.28
CA ALA A 176 7.76 -4.32 1.70
C ALA A 176 6.48 -4.77 1.03
N VAL A 177 6.61 -5.68 0.07
CA VAL A 177 5.45 -6.39 -0.46
C VAL A 177 5.63 -7.88 -0.20
N TYR A 178 4.60 -8.48 0.37
CA TYR A 178 4.53 -9.92 0.62
C TYR A 178 3.61 -10.55 -0.40
N PHE A 179 3.95 -11.74 -0.90
CA PHE A 179 2.94 -12.45 -1.67
C PHE A 179 3.20 -13.94 -1.56
N GLU A 180 2.13 -14.72 -1.75
CA GLU A 180 2.29 -16.17 -1.64
C GLU A 180 1.61 -16.87 -2.82
N TYR A 181 2.14 -18.05 -3.09
CA TYR A 181 1.73 -18.88 -4.21
C TYR A 181 1.82 -20.34 -3.83
N PHE A 182 1.04 -20.73 -2.83
CA PHE A 182 0.97 -22.09 -2.33
C PHE A 182 -0.48 -22.56 -2.38
N TYR A 183 -1.22 -22.07 -3.36
CA TYR A 183 -2.63 -22.41 -3.44
C TYR A 183 -2.78 -23.79 -4.07
N GLN A 184 -3.88 -24.45 -3.70
CA GLN A 184 -4.20 -25.74 -4.30
C GLN A 184 -4.70 -25.56 -5.72
N ASP A 185 -5.43 -24.48 -5.98
CA ASP A 185 -5.75 -24.09 -7.36
C ASP A 185 -4.51 -23.41 -7.94
N GLN A 186 -3.77 -24.12 -8.78
CA GLN A 186 -2.49 -23.61 -9.30
C GLN A 186 -2.66 -22.34 -10.12
N SER A 187 -3.83 -22.11 -10.71
CA SER A 187 -4.02 -20.86 -11.46
C SER A 187 -3.83 -19.64 -10.56
N LEU A 188 -4.22 -19.75 -9.28
CA LEU A 188 -3.97 -18.66 -8.34
C LEU A 188 -2.48 -18.38 -8.19
N ASN A 189 -1.68 -19.44 -8.16
CA ASN A 189 -0.24 -19.24 -8.08
C ASN A 189 0.29 -18.53 -9.34
N GLU A 190 -0.20 -18.91 -10.53
CA GLU A 190 0.29 -18.27 -11.74
C GLU A 190 -0.16 -16.82 -11.86
N LEU A 191 -1.12 -16.37 -11.03
CA LEU A 191 -1.46 -14.95 -11.02
C LEU A 191 -0.41 -14.11 -10.31
N THR A 192 0.55 -14.74 -9.64
CA THR A 192 1.61 -13.97 -9.00
C THR A 192 2.79 -13.67 -9.92
N LEU A 193 2.66 -13.92 -11.24
CA LEU A 193 3.65 -13.41 -12.18
C LEU A 193 3.97 -11.97 -11.83
N HIS A 194 5.26 -11.62 -11.76
CA HIS A 194 5.61 -10.26 -11.35
C HIS A 194 6.96 -9.89 -11.91
N GLY A 195 7.21 -8.57 -12.02
CA GLY A 195 8.50 -8.09 -12.43
C GLY A 195 8.88 -6.82 -11.68
N GLY A 196 10.08 -6.36 -11.99
CA GLY A 196 10.54 -5.07 -11.50
C GLY A 196 10.55 -4.10 -12.66
N ALA A 197 9.74 -3.05 -12.57
CA ALA A 197 9.61 -2.14 -13.69
C ALA A 197 10.90 -1.34 -13.88
N PRO A 198 11.14 -0.82 -15.08
CA PRO A 198 12.35 -0.02 -15.33
C PRO A 198 12.51 1.12 -14.32
N VAL A 199 13.74 1.30 -13.85
CA VAL A 199 14.08 2.53 -13.14
C VAL A 199 14.32 3.59 -14.20
N THR A 200 13.59 4.69 -14.13
CA THR A 200 13.83 5.77 -15.07
C THR A 200 14.62 6.93 -14.49
N LYS A 201 14.71 7.03 -13.16
CA LYS A 201 15.59 7.99 -12.50
C LYS A 201 16.11 7.36 -11.23
N GLY A 202 17.42 7.47 -11.00
CA GLY A 202 17.98 7.02 -9.73
C GLY A 202 18.40 5.57 -9.78
N GLU A 203 18.20 4.84 -8.67
CA GLU A 203 18.51 3.41 -8.66
C GLU A 203 17.62 2.74 -7.63
N LYS A 204 17.61 1.42 -7.67
CA LYS A 204 16.75 0.61 -6.84
C LYS A 204 17.53 -0.48 -6.13
N TRP A 205 17.29 -0.63 -4.84
CA TRP A 205 17.91 -1.66 -4.02
C TRP A 205 16.80 -2.42 -3.32
N ILE A 206 16.78 -3.74 -3.44
CA ILE A 206 15.81 -4.55 -2.67
C ILE A 206 16.50 -5.70 -1.98
N ALA A 207 15.90 -6.11 -0.86
CA ALA A 207 16.23 -7.40 -0.28
C ALA A 207 15.02 -8.32 -0.45
N THR A 208 15.30 -9.60 -0.72
CA THR A 208 14.23 -10.58 -0.87
C THR A 208 14.47 -11.76 0.01
N GLN A 209 13.42 -12.21 0.69
CA GLN A 209 13.41 -13.51 1.35
C GLN A 209 12.43 -14.42 0.61
N TRP A 210 12.96 -15.51 0.05
CA TRP A 210 12.16 -16.60 -0.52
C TRP A 210 12.02 -17.70 0.53
N VAL A 211 10.82 -18.22 0.69
CA VAL A 211 10.52 -19.23 1.70
C VAL A 211 10.10 -20.53 1.03
N ARG A 212 10.63 -21.66 1.53
CA ARG A 212 10.40 -22.99 0.97
C ARG A 212 9.37 -23.78 1.78
N ARG A 213 8.75 -24.77 1.11
CA ARG A 213 7.72 -25.56 1.76
C ARG A 213 8.32 -26.28 2.95
N GLY A 214 9.54 -26.79 2.78
CA GLY A 214 10.21 -27.51 3.82
C GLY A 214 11.48 -26.81 4.24
N THR A 215 12.14 -27.42 5.21
CA THR A 215 13.39 -26.89 5.72
C THR A 215 14.39 -26.68 4.60
N TYR A 216 15.04 -25.52 4.62
CA TYR A 216 16.03 -25.17 3.61
C TYR A 216 17.44 -25.05 4.16
N LYS A 217 17.61 -24.36 5.29
CA LYS A 217 18.94 -24.28 5.86
C LYS A 217 19.18 -25.52 6.72
N GLU B 13 -8.21 3.60 -21.22
CA GLU B 13 -8.87 4.87 -20.92
C GLU B 13 -7.93 5.76 -20.10
N GLN B 14 -7.91 7.04 -20.43
CA GLN B 14 -7.20 7.99 -19.59
C GLN B 14 -7.93 8.18 -18.26
N THR B 15 -7.18 8.54 -17.24
CA THR B 15 -7.69 8.84 -15.91
C THR B 15 -7.51 10.31 -15.59
N ILE B 16 -8.34 10.81 -14.68
CA ILE B 16 -8.15 12.15 -14.13
C ILE B 16 -6.80 12.22 -13.43
N PHE B 17 -6.57 11.31 -12.49
CA PHE B 17 -5.28 11.17 -11.83
C PHE B 17 -4.21 10.85 -12.88
N ASP B 18 -3.17 11.67 -12.96
CA ASP B 18 -2.19 11.42 -14.02
C ASP B 18 -0.76 11.41 -13.52
N HIS B 19 -0.55 11.27 -12.23
CA HIS B 19 0.79 11.37 -11.66
C HIS B 19 1.55 10.10 -11.96
N LYS B 20 2.70 10.26 -12.61
CA LYS B 20 3.64 9.17 -12.84
C LYS B 20 4.71 9.17 -11.75
N GLY B 21 5.39 8.04 -11.60
CA GLY B 21 6.48 7.99 -10.66
C GLY B 21 6.03 7.67 -9.25
N ASN B 22 6.88 8.04 -8.28
CA ASN B 22 6.74 7.54 -6.93
C ASN B 22 6.38 8.62 -5.93
N VAL B 23 6.27 9.87 -6.39
CA VAL B 23 5.97 10.97 -5.48
C VAL B 23 5.10 11.94 -6.25
N ILE B 24 4.31 12.70 -5.50
CA ILE B 24 3.55 13.82 -6.03
C ILE B 24 4.06 15.05 -5.29
N LYS B 25 4.68 15.98 -6.02
CA LYS B 25 5.20 17.19 -5.42
C LYS B 25 4.08 18.23 -5.38
N THR B 26 3.56 18.49 -4.18
CA THR B 26 2.61 19.58 -4.00
C THR B 26 3.33 20.78 -3.41
N GLU B 27 2.60 21.89 -3.27
CA GLU B 27 3.24 23.13 -2.84
C GLU B 27 3.90 22.98 -1.47
N ASP B 28 3.24 22.28 -0.55
CA ASP B 28 3.73 22.22 0.82
C ASP B 28 4.05 20.80 1.30
N ARG B 29 3.98 19.79 0.45
CA ARG B 29 4.24 18.45 0.94
C ARG B 29 4.55 17.51 -0.22
N GLU B 30 5.47 16.58 0.01
CA GLU B 30 5.74 15.50 -0.93
C GLU B 30 4.91 14.27 -0.55
N ILE B 31 3.98 13.90 -1.42
CA ILE B 31 3.10 12.76 -1.20
C ILE B 31 3.78 11.54 -1.81
N GLN B 32 3.61 10.37 -1.17
CA GLN B 32 4.23 9.13 -1.63
C GLN B 32 3.20 8.31 -2.38
N ILE B 33 3.54 7.86 -3.58
CA ILE B 33 2.66 6.91 -4.27
C ILE B 33 3.10 5.52 -3.85
N ILE B 34 2.19 4.78 -3.20
CA ILE B 34 2.55 3.51 -2.53
C ILE B 34 2.16 2.30 -3.38
N SER B 35 0.96 2.28 -3.92
CA SER B 35 0.53 1.17 -4.75
C SER B 35 -0.62 1.66 -5.61
N LYS B 36 -0.79 0.99 -6.74
CA LYS B 36 -1.80 1.35 -7.71
C LYS B 36 -2.50 0.11 -8.24
N PHE B 37 -3.82 0.09 -8.14
CA PHE B 37 -4.64 -0.84 -8.89
C PHE B 37 -5.14 -0.07 -10.11
N GLU B 38 -4.94 -0.64 -11.30
CA GLU B 38 -4.90 0.21 -12.49
C GLU B 38 -6.28 0.57 -13.01
N GLU B 39 -7.23 -0.37 -13.03
CA GLU B 39 -8.54 -0.09 -13.65
C GLU B 39 -9.69 -0.84 -12.96
N PRO B 40 -10.58 -0.11 -12.25
CA PRO B 40 -10.58 1.33 -12.03
C PRO B 40 -9.38 1.71 -11.18
N LEU B 41 -8.96 2.96 -11.29
CA LEU B 41 -7.74 3.41 -10.63
C LEU B 41 -7.99 3.61 -9.14
N ILE B 42 -7.29 2.81 -8.33
CA ILE B 42 -7.28 2.94 -6.89
C ILE B 42 -5.82 3.08 -6.50
N VAL B 43 -5.50 4.14 -5.76
CA VAL B 43 -4.11 4.48 -5.44
C VAL B 43 -3.99 4.67 -3.94
N VAL B 44 -3.07 3.92 -3.31
CA VAL B 44 -2.72 4.15 -1.92
C VAL B 44 -1.62 5.21 -1.87
N LEU B 45 -1.83 6.24 -1.03
CA LEU B 45 -0.91 7.36 -0.93
C LEU B 45 -0.38 7.51 0.49
N GLY B 46 0.91 7.83 0.61
CA GLY B 46 1.55 8.05 1.90
C GLY B 46 1.86 9.53 2.13
N ASN B 47 2.06 9.91 3.40
CA ASN B 47 2.50 11.26 3.77
C ASN B 47 1.54 12.35 3.28
N VAL B 48 0.24 12.05 3.31
CA VAL B 48 -0.74 13.01 2.80
C VAL B 48 -1.02 14.11 3.83
N LEU B 49 -1.16 13.74 5.09
CA LEU B 49 -1.38 14.64 6.22
C LEU B 49 -0.33 14.37 7.27
N SER B 50 0.17 15.42 7.92
CA SER B 50 1.06 15.24 9.04
C SER B 50 0.31 14.70 10.24
N ASP B 51 1.05 14.21 11.23
CA ASP B 51 0.41 13.70 12.43
C ASP B 51 -0.34 14.80 13.15
N GLU B 52 0.25 15.99 13.23
CA GLU B 52 -0.44 17.09 13.90
C GLU B 52 -1.66 17.54 13.10
N GLU B 53 -1.55 17.58 11.77
CA GLU B 53 -2.73 17.91 10.95
C GLU B 53 -3.84 16.88 11.15
N CYS B 54 -3.48 15.61 11.28
CA CYS B 54 -4.48 14.60 11.60
C CYS B 54 -5.16 14.91 12.92
N ASP B 55 -4.38 15.19 13.96
CA ASP B 55 -4.94 15.49 15.28
C ASP B 55 -5.82 16.71 15.22
N GLU B 56 -5.39 17.74 14.49
CA GLU B 56 -6.13 18.99 14.43
C GLU B 56 -7.46 18.81 13.72
N LEU B 57 -7.51 17.98 12.68
CA LEU B 57 -8.76 17.76 11.98
C LEU B 57 -9.78 17.04 12.87
N ILE B 58 -9.33 16.06 13.65
CA ILE B 58 -10.24 15.42 14.61
C ILE B 58 -10.71 16.44 15.65
N GLU B 59 -9.74 17.13 16.29
CA GLU B 59 -10.06 18.14 17.29
C GLU B 59 -11.04 19.18 16.75
N LEU B 60 -10.83 19.66 15.53
CA LEU B 60 -11.80 20.57 14.92
C LEU B 60 -13.16 19.92 14.76
N SER B 61 -13.19 18.62 14.45
CA SER B 61 -14.46 17.97 14.13
C SER B 61 -15.30 17.78 15.39
N LYS B 62 -14.64 17.49 16.52
CA LYS B 62 -15.34 17.30 17.78
C LYS B 62 -15.79 18.62 18.39
N SER B 63 -15.09 19.71 18.08
CA SER B 63 -15.36 21.00 18.70
C SER B 63 -16.61 21.63 18.11
N LYS B 64 -17.34 22.36 18.96
CA LYS B 64 -18.48 23.12 18.48
C LYS B 64 -18.10 24.57 18.25
N LEU B 65 -16.84 24.93 18.44
CA LEU B 65 -16.41 26.28 18.12
C LEU B 65 -16.55 26.52 16.62
N ALA B 66 -17.00 27.71 16.26
CA ALA B 66 -17.05 28.14 14.88
C ALA B 66 -16.61 29.59 14.83
N ARG B 67 -16.23 30.04 13.64
CA ARG B 67 -15.94 31.44 13.42
C ARG B 67 -17.24 32.20 13.21
N SER B 68 -17.26 33.44 13.68
CA SER B 68 -18.46 34.25 13.52
C SER B 68 -18.49 34.89 12.13
N LYS B 69 -19.63 34.79 11.46
CA LYS B 69 -19.87 35.45 10.20
C LYS B 69 -20.98 36.45 10.40
N VAL B 70 -20.80 37.66 9.84
CA VAL B 70 -21.87 38.64 9.89
C VAL B 70 -23.11 38.07 9.21
N GLY B 71 -24.26 38.20 9.86
CA GLY B 71 -25.51 37.71 9.32
C GLY B 71 -25.70 36.21 9.47
N SER B 83 -22.92 8.94 8.35
CA SER B 83 -22.99 10.07 9.28
C SER B 83 -21.90 11.09 8.95
N GLY B 84 -21.22 11.60 9.97
CA GLY B 84 -20.18 12.57 9.77
C GLY B 84 -20.67 13.97 9.45
N ALA B 85 -19.74 14.89 9.27
CA ALA B 85 -20.08 16.28 8.96
C ALA B 85 -18.93 16.96 8.25
N PHE B 86 -19.27 17.86 7.32
CA PHE B 86 -18.26 18.67 6.66
C PHE B 86 -17.70 19.69 7.64
N LEU B 87 -16.39 19.91 7.61
CA LEU B 87 -15.79 20.93 8.46
C LEU B 87 -16.07 22.33 7.91
N ASP B 88 -15.73 23.33 8.72
CA ASP B 88 -15.89 24.73 8.34
C ASP B 88 -14.52 25.32 7.98
N ASP B 89 -14.51 26.16 6.93
CA ASP B 89 -13.27 26.66 6.35
C ASP B 89 -12.47 27.48 7.37
N ASN B 90 -11.17 27.17 7.48
CA ASN B 90 -10.22 28.02 8.20
C ASN B 90 -8.87 27.91 7.49
N GLU B 91 -7.82 28.46 8.10
CA GLU B 91 -6.52 28.47 7.42
C GLU B 91 -5.95 27.06 7.29
N LEU B 92 -6.17 26.21 8.30
CA LEU B 92 -5.69 24.83 8.20
C LEU B 92 -6.44 24.06 7.13
N THR B 93 -7.76 24.16 7.11
CA THR B 93 -8.55 23.36 6.17
C THR B 93 -8.36 23.80 4.72
N ALA B 94 -8.17 25.11 4.48
CA ALA B 94 -7.87 25.57 3.13
C ALA B 94 -6.53 25.04 2.65
N LYS B 95 -5.51 25.07 3.52
CA LYS B 95 -4.22 24.51 3.18
C LYS B 95 -4.37 23.05 2.70
N ILE B 96 -5.22 22.27 3.36
CA ILE B 96 -5.31 20.85 3.03
C ILE B 96 -6.07 20.65 1.73
N GLU B 97 -7.15 21.40 1.47
CA GLU B 97 -7.87 21.27 0.20
C GLU B 97 -6.97 21.67 -0.96
N LYS B 98 -6.06 22.61 -0.70
CA LYS B 98 -5.12 23.04 -1.75
C LYS B 98 -4.20 21.87 -2.10
N ARG B 99 -3.66 21.24 -1.05
CA ARG B 99 -2.82 20.08 -1.20
C ARG B 99 -3.54 18.95 -1.88
N ILE B 100 -4.77 18.69 -1.46
CA ILE B 100 -5.59 17.65 -2.05
C ILE B 100 -5.85 17.91 -3.53
N SER B 101 -6.11 19.18 -3.91
CA SER B 101 -6.39 19.57 -5.28
C SER B 101 -5.25 19.13 -6.19
N SER B 102 -3.92 19.27 -5.67
CA SER B 102 -2.78 18.87 -6.45
C SER B 102 -2.82 17.37 -6.68
N ILE B 103 -3.15 16.63 -5.63
CA ILE B 103 -3.21 15.18 -5.74
C ILE B 103 -4.26 14.69 -6.72
N MET B 104 -5.45 15.28 -6.67
CA MET B 104 -6.56 14.80 -7.46
C MET B 104 -6.68 15.45 -8.85
N ASN B 105 -5.86 16.45 -9.18
CA ASN B 105 -5.83 17.06 -10.53
C ASN B 105 -7.15 17.73 -10.91
N VAL B 106 -7.87 18.22 -9.91
CA VAL B 106 -9.12 18.95 -10.14
C VAL B 106 -9.14 20.10 -9.13
N PRO B 107 -9.55 21.31 -9.54
CA PRO B 107 -9.51 22.46 -8.61
C PRO B 107 -10.34 22.20 -7.37
N ALA B 108 -9.87 22.76 -6.26
CA ALA B 108 -10.53 22.61 -4.95
C ALA B 108 -11.96 23.10 -4.99
N SER B 109 -12.24 24.12 -5.80
CA SER B 109 -13.61 24.58 -5.99
C SER B 109 -14.56 23.44 -6.37
N HIS B 110 -14.04 22.33 -6.90
CA HIS B 110 -14.85 21.16 -7.25
C HIS B 110 -15.08 20.22 -6.08
N GLY B 111 -14.40 20.42 -4.96
CA GLY B 111 -14.53 19.52 -3.83
C GLY B 111 -15.65 19.96 -2.92
N GLU B 112 -16.31 18.96 -2.31
CA GLU B 112 -17.39 19.30 -1.40
C GLU B 112 -16.88 19.84 -0.06
N GLY B 113 -15.58 19.76 0.19
CA GLY B 113 -14.99 20.12 1.47
C GLY B 113 -14.68 18.91 2.32
N LEU B 114 -13.90 19.16 3.38
CA LEU B 114 -13.40 18.07 4.24
C LEU B 114 -14.53 17.52 5.08
N HIS B 115 -14.98 16.32 4.74
CA HIS B 115 -16.01 15.63 5.47
C HIS B 115 -15.33 14.71 6.47
N ILE B 116 -15.75 14.75 7.72
CA ILE B 116 -15.15 13.94 8.76
C ILE B 116 -16.16 12.89 9.18
N LEU B 117 -15.69 11.66 9.29
CA LEU B 117 -16.53 10.53 9.67
C LEU B 117 -15.83 9.81 10.80
N ASN B 118 -16.58 9.36 11.78
CA ASN B 118 -16.02 8.56 12.84
C ASN B 118 -16.92 7.39 13.16
N TYR B 119 -16.35 6.19 13.24
CA TYR B 119 -17.11 5.01 13.62
C TYR B 119 -16.29 4.19 14.60
N GLU B 120 -16.93 3.36 15.40
CA GLU B 120 -16.21 2.70 16.48
C GLU B 120 -16.55 1.22 16.56
N VAL B 121 -16.16 0.60 17.68
CA VAL B 121 -16.34 -0.83 17.84
C VAL B 121 -17.80 -1.18 17.59
N ASP B 122 -18.02 -2.30 16.91
CA ASP B 122 -19.35 -2.82 16.64
C ASP B 122 -20.09 -1.98 15.59
N GLN B 123 -19.36 -1.19 14.77
CA GLN B 123 -19.95 -0.44 13.68
C GLN B 123 -19.17 -0.67 12.39
N GLN B 124 -19.88 -0.49 11.27
CA GLN B 124 -19.30 -0.59 9.95
C GLN B 124 -20.04 0.38 9.02
N TYR B 125 -19.46 0.61 7.85
CA TYR B 125 -20.10 1.44 6.81
C TYR B 125 -20.41 0.52 5.65
N LYS B 126 -21.71 0.33 5.38
CA LYS B 126 -22.11 -0.61 4.35
C LYS B 126 -21.60 -0.17 2.97
N ALA B 127 -21.37 -1.17 2.12
CA ALA B 127 -20.82 -0.94 0.78
C ALA B 127 -21.77 -0.11 -0.09
N HIS B 128 -21.18 0.66 -1.01
CA HIS B 128 -21.93 1.70 -1.72
C HIS B 128 -21.06 2.29 -2.84
N TYR B 129 -21.70 3.01 -3.76
CA TYR B 129 -20.96 3.83 -4.72
C TYR B 129 -20.96 5.27 -4.25
N ASP B 130 -19.85 5.97 -4.51
CA ASP B 130 -19.77 7.36 -4.10
C ASP B 130 -20.47 8.30 -5.08
N TYR B 131 -20.75 7.85 -6.31
CA TYR B 131 -21.42 8.66 -7.31
C TYR B 131 -22.93 8.43 -7.22
N PHE B 132 -23.70 9.18 -8.02
CA PHE B 132 -25.16 9.14 -8.03
C PHE B 132 -25.70 8.43 -9.27
N ALA B 133 -26.92 7.91 -9.17
CA ALA B 133 -27.53 7.20 -10.29
C ALA B 133 -27.85 8.14 -11.45
N GLU B 134 -27.85 7.61 -12.66
CA GLU B 134 -28.11 8.41 -13.85
C GLU B 134 -29.50 9.02 -13.73
N HIS B 135 -30.45 8.27 -13.18
CA HIS B 135 -31.79 8.82 -13.04
C HIS B 135 -31.86 9.83 -11.88
N SER B 136 -30.80 9.88 -11.08
CA SER B 136 -30.71 10.80 -9.95
C SER B 136 -30.69 12.28 -10.31
N ARG B 137 -31.11 13.12 -9.35
CA ARG B 137 -31.13 14.56 -9.54
C ARG B 137 -29.73 15.15 -9.43
N SER B 138 -28.96 14.73 -8.44
CA SER B 138 -27.57 15.16 -8.27
C SER B 138 -26.64 14.60 -9.35
N ALA B 139 -27.14 13.76 -10.28
CA ALA B 139 -26.34 13.28 -11.39
C ALA B 139 -25.97 14.37 -12.38
N ALA B 140 -26.57 15.55 -12.25
CA ALA B 140 -26.31 16.65 -13.17
C ALA B 140 -24.85 17.07 -13.10
N ASN B 141 -24.35 17.16 -11.89
CA ASN B 141 -22.96 17.50 -11.62
C ASN B 141 -22.50 16.40 -10.68
N ASN B 142 -22.39 15.21 -11.23
CA ASN B 142 -22.02 14.02 -10.50
C ASN B 142 -20.59 13.96 -9.98
N ARG B 143 -20.41 13.28 -8.85
CA ARG B 143 -19.09 13.05 -8.26
C ARG B 143 -18.23 12.25 -9.23
N ILE B 144 -16.93 12.52 -9.22
CA ILE B 144 -16.07 11.90 -10.22
C ILE B 144 -14.94 11.10 -9.56
N SER B 145 -14.53 11.51 -8.38
CA SER B 145 -13.41 10.91 -7.69
C SER B 145 -13.47 11.17 -6.22
N THR B 146 -12.77 10.35 -5.43
CA THR B 146 -12.78 10.36 -3.97
C THR B 146 -11.38 10.24 -3.42
N LEU B 147 -11.09 10.99 -2.35
CA LEU B 147 -9.91 10.80 -1.51
C LEU B 147 -10.37 10.57 -0.07
N VAL B 148 -10.00 9.42 0.51
CA VAL B 148 -10.23 9.11 1.91
C VAL B 148 -8.89 9.14 2.64
N MET B 149 -8.80 9.99 3.66
CA MET B 149 -7.62 10.22 4.49
C MET B 149 -7.82 9.60 5.87
N TYR B 150 -6.88 8.76 6.27
CA TYR B 150 -6.94 8.13 7.59
C TYR B 150 -6.38 9.06 8.64
N LEU B 151 -7.24 9.49 9.57
CA LEU B 151 -6.79 10.48 10.55
C LEU B 151 -6.26 9.86 11.83
N ASN B 152 -6.35 8.55 12.01
CA ASN B 152 -5.82 7.95 13.21
C ASN B 152 -5.49 6.50 12.91
N ASP B 153 -4.85 5.85 13.87
CA ASP B 153 -4.57 4.43 13.74
C ASP B 153 -5.71 3.65 14.40
N VAL B 154 -6.21 2.65 13.68
CA VAL B 154 -7.31 1.81 14.15
C VAL B 154 -6.71 0.55 14.76
N GLU B 155 -7.06 0.28 16.01
CA GLU B 155 -6.47 -0.87 16.69
C GLU B 155 -6.70 -2.15 15.88
N GLU B 156 -7.93 -2.39 15.43
CA GLU B 156 -8.21 -3.57 14.61
C GLU B 156 -9.47 -3.31 13.78
N GLY B 157 -9.46 -3.77 12.52
CA GLY B 157 -10.57 -3.55 11.62
C GLY B 157 -10.52 -2.17 10.96
N GLY B 158 -11.63 -1.78 10.34
CA GLY B 158 -11.72 -0.45 9.74
C GLY B 158 -11.13 -0.35 8.35
N GLU B 159 -10.84 -1.46 7.68
CA GLU B 159 -10.35 -1.38 6.30
C GLU B 159 -11.37 -0.68 5.39
N THR B 160 -10.86 0.03 4.39
CA THR B 160 -11.67 0.44 3.24
C THR B 160 -11.58 -0.68 2.22
N PHE B 161 -12.71 -1.33 1.90
CA PHE B 161 -12.69 -2.53 1.07
C PHE B 161 -13.52 -2.35 -0.19
N PHE B 162 -13.04 -2.93 -1.28
CA PHE B 162 -13.69 -2.91 -2.59
C PHE B 162 -14.11 -4.34 -2.91
N PRO B 163 -15.34 -4.73 -2.59
CA PRO B 163 -15.69 -6.16 -2.62
C PRO B 163 -15.68 -6.76 -4.00
N LYS B 164 -15.93 -6.00 -5.07
CA LYS B 164 -15.87 -6.60 -6.38
C LYS B 164 -14.45 -6.75 -6.90
N LEU B 165 -13.49 -6.10 -6.24
CA LEU B 165 -12.10 -6.17 -6.65
C LEU B 165 -11.26 -7.05 -5.74
N ASN B 166 -11.81 -7.48 -4.60
CA ASN B 166 -11.09 -8.29 -3.61
C ASN B 166 -9.85 -7.56 -3.09
N LEU B 167 -9.99 -6.27 -2.85
CA LEU B 167 -8.89 -5.39 -2.50
C LEU B 167 -9.31 -4.58 -1.28
N SER B 168 -8.38 -4.38 -0.34
CA SER B 168 -8.66 -3.63 0.87
CA SER B 168 -8.69 -3.56 0.81
C SER B 168 -7.48 -2.70 1.16
N VAL B 169 -7.78 -1.54 1.73
CA VAL B 169 -6.77 -0.60 2.19
C VAL B 169 -6.98 -0.45 3.69
N HIS B 170 -5.91 -0.71 4.46
CA HIS B 170 -6.03 -0.67 5.91
C HIS B 170 -5.74 0.73 6.43
N PRO B 171 -6.44 1.18 7.47
CA PRO B 171 -6.21 2.55 7.95
C PRO B 171 -4.80 2.63 8.51
N ARG B 172 -4.12 3.71 8.15
CA ARG B 172 -2.82 4.05 8.71
C ARG B 172 -2.79 5.58 8.74
N LYS B 173 -2.49 6.12 9.91
CA LYS B 173 -2.61 7.57 10.09
C LYS B 173 -1.69 8.31 9.14
N GLY B 174 -2.25 9.31 8.45
CA GLY B 174 -1.54 10.11 7.48
C GLY B 174 -1.58 9.60 6.06
N MET B 175 -1.97 8.34 5.86
CA MET B 175 -2.11 7.79 4.52
CA MET B 175 -2.13 7.78 4.53
C MET B 175 -3.52 8.04 3.98
N ALA B 176 -3.75 7.66 2.74
CA ALA B 176 -5.02 7.91 2.08
C ALA B 176 -5.22 6.92 0.95
N VAL B 177 -6.47 6.74 0.55
CA VAL B 177 -6.79 6.01 -0.67
C VAL B 177 -7.55 6.95 -1.59
N TYR B 178 -7.06 7.04 -2.82
CA TYR B 178 -7.68 7.73 -3.92
C TYR B 178 -8.37 6.75 -4.85
N PHE B 179 -9.57 7.07 -5.30
CA PHE B 179 -10.12 6.26 -6.38
C PHE B 179 -11.02 7.12 -7.23
N GLU B 180 -11.17 6.75 -8.49
CA GLU B 180 -11.98 7.55 -9.40
C GLU B 180 -12.93 6.67 -10.19
N TYR B 181 -14.04 7.26 -10.60
CA TYR B 181 -15.13 6.57 -11.29
C TYR B 181 -15.75 7.52 -12.30
N PHE B 182 -15.01 7.84 -13.34
CA PHE B 182 -15.41 8.80 -14.35
C PHE B 182 -15.16 8.23 -15.74
N TYR B 183 -15.26 6.90 -15.85
CA TYR B 183 -14.94 6.14 -17.05
C TYR B 183 -16.12 6.08 -18.01
N GLN B 184 -15.80 6.03 -19.30
CA GLN B 184 -16.82 5.88 -20.33
C GLN B 184 -17.48 4.51 -20.24
N ASP B 185 -16.66 3.46 -20.13
CA ASP B 185 -17.18 2.14 -19.85
C ASP B 185 -17.64 2.11 -18.40
N GLN B 186 -18.94 2.27 -18.18
CA GLN B 186 -19.46 2.37 -16.82
C GLN B 186 -19.31 1.07 -16.03
N SER B 187 -18.95 -0.04 -16.69
CA SER B 187 -18.63 -1.24 -15.94
C SER B 187 -17.47 -0.99 -14.98
N LEU B 188 -16.40 -0.34 -15.48
CA LEU B 188 -15.29 0.03 -14.61
C LEU B 188 -15.77 0.85 -13.43
N ASN B 189 -16.75 1.73 -13.66
CA ASN B 189 -17.26 2.58 -12.57
C ASN B 189 -17.95 1.76 -11.49
N GLU B 190 -18.71 0.73 -11.88
CA GLU B 190 -19.40 -0.09 -10.90
C GLU B 190 -18.44 -0.99 -10.11
N LEU B 191 -17.19 -1.08 -10.53
CA LEU B 191 -16.20 -1.82 -9.75
C LEU B 191 -15.65 -1.04 -8.57
N THR B 192 -15.99 0.26 -8.43
CA THR B 192 -15.54 1.06 -7.29
C THR B 192 -16.48 0.96 -6.11
N LEU B 193 -17.43 0.02 -6.12
CA LEU B 193 -18.22 -0.29 -4.95
C LEU B 193 -17.29 -0.52 -3.78
N HIS B 194 -17.54 0.17 -2.67
CA HIS B 194 -16.63 0.08 -1.53
C HIS B 194 -17.38 0.31 -0.23
N GLY B 195 -16.78 -0.15 0.86
CA GLY B 195 -17.32 0.09 2.19
C GLY B 195 -16.22 0.28 3.22
N GLY B 196 -16.66 0.50 4.46
CA GLY B 196 -15.80 0.55 5.63
C GLY B 196 -16.00 -0.70 6.47
N ALA B 197 -14.96 -1.50 6.67
CA ALA B 197 -15.13 -2.75 7.40
C ALA B 197 -15.34 -2.49 8.89
N PRO B 198 -15.96 -3.44 9.60
CA PRO B 198 -16.19 -3.24 11.03
C PRO B 198 -14.91 -2.87 11.77
N VAL B 199 -15.00 -1.86 12.62
CA VAL B 199 -13.98 -1.71 13.64
C VAL B 199 -14.22 -2.77 14.71
N THR B 200 -13.18 -3.53 15.04
CA THR B 200 -13.30 -4.52 16.11
C THR B 200 -12.51 -4.16 17.36
N LYS B 201 -11.50 -3.31 17.24
CA LYS B 201 -10.83 -2.71 18.38
C LYS B 201 -10.55 -1.26 18.05
N GLY B 202 -10.86 -0.36 18.99
CA GLY B 202 -10.52 1.04 18.85
C GLY B 202 -11.60 1.88 18.19
N GLU B 203 -11.17 2.87 17.40
CA GLU B 203 -12.10 3.72 16.67
C GLU B 203 -11.41 4.23 15.43
N LYS B 204 -12.23 4.70 14.48
CA LYS B 204 -11.79 5.08 13.15
C LYS B 204 -12.28 6.49 12.82
N TRP B 205 -11.36 7.32 12.35
CA TRP B 205 -11.63 8.68 11.93
C TRP B 205 -11.08 8.84 10.53
N ILE B 206 -11.91 9.30 9.58
CA ILE B 206 -11.44 9.58 8.22
C ILE B 206 -11.91 10.94 7.77
N ALA B 207 -11.08 11.60 6.97
CA ALA B 207 -11.49 12.78 6.20
C ALA B 207 -11.74 12.34 4.77
N THR B 208 -12.85 12.77 4.17
CA THR B 208 -13.16 12.47 2.77
C THR B 208 -13.32 13.75 1.96
N GLN B 209 -12.69 13.79 0.78
CA GLN B 209 -12.92 14.83 -0.23
C GLN B 209 -13.58 14.19 -1.45
N TRP B 210 -14.82 14.58 -1.70
CA TRP B 210 -15.53 14.17 -2.91
C TRP B 210 -15.42 15.30 -3.93
N VAL B 211 -15.04 14.96 -5.15
CA VAL B 211 -14.82 15.93 -6.22
C VAL B 211 -15.89 15.76 -7.30
N ARG B 212 -16.51 16.88 -7.72
CA ARG B 212 -17.53 16.87 -8.76
C ARG B 212 -16.97 17.21 -10.15
N ARG B 213 -17.72 16.82 -11.18
CA ARG B 213 -17.27 17.05 -12.55
C ARG B 213 -17.17 18.53 -12.86
N GLY B 214 -18.08 19.34 -12.33
CA GLY B 214 -18.04 20.77 -12.51
C GLY B 214 -17.85 21.46 -11.16
N THR B 215 -17.58 22.76 -11.22
CA THR B 215 -17.55 23.60 -10.03
C THR B 215 -18.75 23.28 -9.15
N TYR B 216 -18.51 23.11 -7.86
CA TYR B 216 -19.58 22.78 -6.95
C TYR B 216 -19.67 23.82 -5.86
N LYS B 217 -18.54 24.47 -5.60
CA LYS B 217 -18.43 25.50 -4.58
C LYS B 217 -18.25 24.90 -3.20
CO CO C . 10.51 -12.38 -8.22
C1 MLI D . 10.70 -7.63 -7.76
C2 MLI D . 11.23 -8.58 -8.83
C3 MLI D . 11.16 -6.17 -7.91
O6 MLI D . 10.84 -9.83 -8.74
O7 MLI D . 12.05 -8.22 -9.71
O8 MLI D . 10.49 -5.21 -7.44
O9 MLI D . 12.31 -5.94 -8.49
CO CO E . -17.75 6.04 0.10
C1 MLI F . -14.70 4.14 3.44
C2 MLI F . -16.20 4.41 3.33
C3 MLI F . -14.13 3.90 4.84
O6 MLI F . -16.89 4.38 4.44
O7 MLI F . -16.74 4.65 2.24
O8 MLI F . -14.91 4.10 5.87
O9 MLI F . -12.94 3.52 4.97
#